data_6VYE
#
_entry.id   6VYE
#
_cell.length_a   71.770
_cell.length_b   63.390
_cell.length_c   79.320
_cell.angle_alpha   90.000
_cell.angle_beta   94.910
_cell.angle_gamma   90.000
#
_symmetry.space_group_name_H-M   'P 1 2 1'
#
loop_
_entity.id
_entity.type
_entity.pdbx_description
1 polymer 6-phosphogluconolactonase
2 non-polymer 'PHOSPHATE ION'
3 non-polymer GLYCEROL
4 water water
#
_entity_poly.entity_id   1
_entity_poly.type   'polypeptide(L)'
_entity_poly.pdbx_seq_one_letter_code
;MAHHHHHHMSFKPKIIVCGSPAELSGVACKKIVEIIHASERTNWPLSIALSGGSTPKMLYSLLHEEHLHLLKEERALRFF
FGDERLVPADAAESNYNMARQALLRDIPEDLVVPVDVGCVGKVSKVACNDAVKSADAYEKKIALLLGTQKVEGMEAEIPV
FDIVLLGLGSDGHTASIFHGSQAESEMHRAVSVGFPSPTMSPKVWRVTLTPITIIHARHVILLATGKEKKCVLNGIIADT
PTEVPVSRFLRNCKGDVTFILDKEIAENLTC
;
_entity_poly.pdbx_strand_id   A,B
#
# COMPACT_ATOMS: atom_id res chain seq x y z
N HIS A 6 -34.86 -23.58 -0.45
CA HIS A 6 -34.06 -24.79 -0.08
C HIS A 6 -33.49 -24.57 1.33
N HIS A 7 -32.42 -25.28 1.72
CA HIS A 7 -31.99 -25.44 3.14
C HIS A 7 -31.32 -24.18 3.69
N HIS A 8 -30.79 -23.33 2.81
CA HIS A 8 -29.91 -22.20 3.22
C HIS A 8 -30.23 -20.99 2.36
N MET A 9 -30.12 -19.79 2.93
CA MET A 9 -30.08 -18.52 2.19
C MET A 9 -28.82 -18.55 1.32
N SER A 10 -28.94 -18.10 0.07
CA SER A 10 -27.82 -18.02 -0.91
C SER A 10 -27.38 -16.57 -0.98
N PHE A 11 -26.09 -16.34 -1.14
CA PHE A 11 -25.49 -15.01 -1.37
C PHE A 11 -24.73 -15.13 -2.68
N LYS A 12 -25.22 -14.47 -3.72
CA LYS A 12 -24.68 -14.58 -5.11
C LYS A 12 -24.21 -13.20 -5.56
N PRO A 13 -23.15 -12.63 -4.96
CA PRO A 13 -22.53 -11.45 -5.56
C PRO A 13 -21.88 -11.82 -6.90
N LYS A 14 -21.68 -10.81 -7.74
CA LYS A 14 -20.86 -10.90 -8.97
C LYS A 14 -19.42 -11.04 -8.49
N ILE A 15 -18.76 -12.13 -8.84
CA ILE A 15 -17.35 -12.36 -8.40
C ILE A 15 -16.47 -12.17 -9.63
N ILE A 16 -15.51 -11.26 -9.57
CA ILE A 16 -14.46 -11.12 -10.62
C ILE A 16 -13.10 -11.46 -9.99
N VAL A 17 -12.46 -12.50 -10.50
CA VAL A 17 -11.13 -12.97 -10.06
C VAL A 17 -10.11 -12.47 -11.08
N CYS A 18 -9.15 -11.66 -10.66
CA CYS A 18 -8.06 -11.12 -11.52
C CYS A 18 -6.78 -11.96 -11.32
N GLY A 19 -6.04 -12.22 -12.42
CA GLY A 19 -4.82 -13.05 -12.43
C GLY A 19 -3.71 -12.45 -11.56
N SER A 20 -3.47 -11.16 -11.73
CA SER A 20 -2.44 -10.39 -10.99
C SER A 20 -3.14 -9.39 -10.09
N PRO A 21 -2.94 -9.46 -8.75
CA PRO A 21 -3.42 -8.44 -7.82
C PRO A 21 -3.31 -6.98 -8.30
N ALA A 22 -2.43 -6.68 -9.26
CA ALA A 22 -2.24 -5.34 -9.85
C ALA A 22 -3.27 -5.05 -10.97
N GLU A 23 -4.19 -5.99 -11.24
CA GLU A 23 -5.30 -5.88 -12.21
C GLU A 23 -6.59 -5.46 -11.49
N LEU A 24 -6.63 -5.49 -10.15
CA LEU A 24 -7.86 -5.21 -9.37
C LEU A 24 -8.27 -3.74 -9.58
N SER A 25 -7.35 -2.77 -9.49
CA SER A 25 -7.71 -1.33 -9.64
C SER A 25 -8.36 -1.11 -11.00
N GLY A 26 -7.83 -1.76 -12.05
CA GLY A 26 -8.34 -1.68 -13.44
C GLY A 26 -9.77 -2.16 -13.52
N VAL A 27 -10.09 -3.31 -12.93
CA VAL A 27 -11.47 -3.86 -12.90
C VAL A 27 -12.39 -2.96 -12.06
N ALA A 28 -11.92 -2.39 -10.96
CA ALA A 28 -12.73 -1.56 -10.05
C ALA A 28 -13.09 -0.26 -10.77
N CYS A 29 -12.11 0.34 -11.42
CA CYS A 29 -12.28 1.53 -12.28
C CYS A 29 -13.32 1.28 -13.37
N LYS A 30 -13.26 0.13 -14.04
CA LYS A 30 -14.19 -0.22 -15.15
C LYS A 30 -15.61 -0.29 -14.57
N LYS A 31 -15.76 -0.99 -13.45
CA LYS A 31 -17.07 -1.15 -12.76
C LYS A 31 -17.62 0.25 -12.42
N ILE A 32 -16.83 1.11 -11.75
CA ILE A 32 -17.30 2.47 -11.35
C ILE A 32 -17.75 3.25 -12.58
N VAL A 33 -16.97 3.26 -13.65
CA VAL A 33 -17.29 4.00 -14.91
C VAL A 33 -18.56 3.41 -15.53
N GLU A 34 -18.71 2.09 -15.57
CA GLU A 34 -19.94 1.42 -16.07
C GLU A 34 -21.15 1.91 -15.28
N ILE A 35 -21.05 2.00 -13.94
CA ILE A 35 -22.19 2.42 -13.09
C ILE A 35 -22.49 3.88 -13.44
N ILE A 36 -21.47 4.72 -13.65
CA ILE A 36 -21.67 6.16 -13.99
C ILE A 36 -22.46 6.23 -15.29
N HIS A 37 -22.01 5.53 -16.33
CA HIS A 37 -22.61 5.62 -17.69
C HIS A 37 -24.00 4.96 -17.77
N ALA A 38 -24.35 4.09 -16.83
CA ALA A 38 -25.65 3.38 -16.80
C ALA A 38 -26.71 4.34 -16.27
N SER A 39 -26.27 5.43 -15.63
CA SER A 39 -27.12 6.43 -14.96
C SER A 39 -27.28 7.64 -15.90
N GLU A 40 -28.51 8.08 -16.14
CA GLU A 40 -28.74 9.35 -16.88
C GLU A 40 -28.01 10.51 -16.18
N ARG A 41 -27.39 11.37 -16.99
CA ARG A 41 -26.61 12.58 -16.55
C ARG A 41 -27.43 13.43 -15.57
N THR A 42 -28.75 13.40 -15.63
CA THR A 42 -29.62 14.23 -14.74
C THR A 42 -29.55 13.73 -13.30
N ASN A 43 -29.06 12.51 -13.04
CA ASN A 43 -28.91 11.93 -11.69
C ASN A 43 -27.50 12.18 -11.17
N TRP A 44 -26.59 12.58 -12.06
CA TRP A 44 -25.22 12.97 -11.67
C TRP A 44 -25.30 14.24 -10.83
N PRO A 45 -24.40 14.45 -9.86
CA PRO A 45 -23.33 13.51 -9.55
C PRO A 45 -23.85 12.35 -8.70
N LEU A 46 -23.36 11.15 -9.00
CA LEU A 46 -23.64 9.94 -8.20
C LEU A 46 -22.76 9.98 -6.95
N SER A 47 -23.34 9.59 -5.82
CA SER A 47 -22.65 9.54 -4.51
C SER A 47 -21.74 8.31 -4.46
N ILE A 48 -20.46 8.51 -4.21
CA ILE A 48 -19.51 7.39 -3.94
C ILE A 48 -18.91 7.56 -2.53
N ALA A 49 -18.81 6.48 -1.76
CA ALA A 49 -18.08 6.49 -0.48
C ALA A 49 -16.77 5.73 -0.73
N LEU A 50 -15.64 6.44 -0.57
CA LEU A 50 -14.29 5.94 -0.87
C LEU A 50 -13.77 5.15 0.32
N SER A 51 -12.99 4.10 0.08
CA SER A 51 -12.15 3.44 1.12
C SER A 51 -10.71 3.97 1.04
N GLY A 52 -9.96 3.81 2.14
CA GLY A 52 -8.50 4.03 2.18
C GLY A 52 -7.71 2.78 1.82
N GLY A 53 -6.37 2.84 1.89
CA GLY A 53 -5.50 1.71 1.53
C GLY A 53 -4.85 1.87 0.16
N SER A 54 -4.02 0.90 -0.21
CA SER A 54 -3.09 1.04 -1.36
C SER A 54 -3.75 0.62 -2.68
N THR A 55 -4.64 -0.37 -2.68
CA THR A 55 -5.42 -0.75 -3.89
C THR A 55 -6.37 0.41 -4.26
N PRO A 56 -7.22 0.92 -3.34
CA PRO A 56 -7.96 2.15 -3.63
C PRO A 56 -7.08 3.29 -4.18
N LYS A 57 -5.92 3.56 -3.56
CA LYS A 57 -5.00 4.68 -3.95
C LYS A 57 -4.64 4.52 -5.43
N MET A 58 -4.48 3.29 -5.88
CA MET A 58 -4.16 3.02 -7.30
C MET A 58 -5.40 3.21 -8.15
N LEU A 59 -6.58 2.78 -7.69
CA LEU A 59 -7.86 2.99 -8.39
C LEU A 59 -8.05 4.50 -8.58
N TYR A 60 -7.78 5.32 -7.58
CA TYR A 60 -8.04 6.78 -7.62
C TYR A 60 -7.04 7.46 -8.56
N SER A 61 -5.80 6.97 -8.63
CA SER A 61 -4.77 7.47 -9.56
C SER A 61 -5.15 7.07 -10.98
N LEU A 62 -5.66 5.87 -11.15
CA LEU A 62 -6.18 5.40 -12.45
C LEU A 62 -7.33 6.30 -12.92
N LEU A 63 -8.32 6.61 -12.06
CA LEU A 63 -9.46 7.51 -12.39
C LEU A 63 -8.92 8.88 -12.82
N HIS A 64 -7.88 9.37 -12.13
CA HIS A 64 -7.28 10.70 -12.36
C HIS A 64 -6.59 10.73 -13.72
N GLU A 65 -5.86 9.68 -14.08
CA GLU A 65 -5.08 9.61 -15.34
C GLU A 65 -6.03 9.35 -16.51
N GLU A 66 -7.09 8.55 -16.36
CA GLU A 66 -7.88 8.08 -17.53
C GLU A 66 -9.30 8.65 -17.57
N HIS A 67 -9.82 9.21 -16.48
CA HIS A 67 -11.25 9.62 -16.42
C HIS A 67 -11.43 11.03 -15.84
N LEU A 68 -10.42 11.87 -15.94
CA LEU A 68 -10.52 13.20 -15.29
C LEU A 68 -11.64 14.02 -15.93
N HIS A 69 -11.79 13.94 -17.24
CA HIS A 69 -12.82 14.70 -17.97
C HIS A 69 -14.21 14.34 -17.43
N LEU A 70 -14.44 13.05 -17.19
CA LEU A 70 -15.72 12.52 -16.72
C LEU A 70 -16.00 13.07 -15.32
N LEU A 71 -14.96 13.18 -14.47
CA LEU A 71 -15.11 13.49 -13.02
C LEU A 71 -15.05 15.00 -12.77
N LYS A 72 -14.17 15.71 -13.47
CA LYS A 72 -13.94 17.16 -13.26
C LYS A 72 -14.93 17.98 -14.12
N GLU A 73 -14.87 17.87 -15.45
CA GLU A 73 -15.71 18.64 -16.39
C GLU A 73 -17.17 18.17 -16.33
N GLU A 74 -17.41 16.86 -16.27
CA GLU A 74 -18.79 16.29 -16.41
C GLU A 74 -19.39 16.06 -15.02
N ARG A 75 -18.63 16.29 -13.94
CA ARG A 75 -19.13 16.26 -12.54
C ARG A 75 -19.91 14.95 -12.29
N ALA A 76 -19.34 13.79 -12.66
CA ALA A 76 -20.04 12.49 -12.58
C ALA A 76 -20.19 11.97 -11.14
N LEU A 77 -19.34 12.38 -10.21
CA LEU A 77 -19.25 11.78 -8.86
C LEU A 77 -19.14 12.87 -7.77
N ARG A 78 -19.79 12.58 -6.66
CA ARG A 78 -19.65 13.32 -5.39
C ARG A 78 -19.01 12.34 -4.40
N PHE A 79 -17.80 12.70 -3.99
CA PHE A 79 -16.86 11.85 -3.24
C PHE A 79 -17.10 12.07 -1.74
N PHE A 80 -17.51 11.01 -1.08
CA PHE A 80 -17.65 10.88 0.40
C PHE A 80 -16.65 9.82 0.87
N PHE A 81 -16.52 9.63 2.17
CA PHE A 81 -15.60 8.65 2.76
C PHE A 81 -16.41 7.64 3.56
N GLY A 82 -16.16 6.36 3.30
CA GLY A 82 -16.77 5.25 4.05
C GLY A 82 -16.25 5.25 5.48
N ASP A 83 -15.01 5.69 5.66
CA ASP A 83 -14.40 5.92 6.99
C ASP A 83 -13.27 6.94 6.86
N GLU A 84 -12.88 7.45 8.02
CA GLU A 84 -11.79 8.41 8.17
C GLU A 84 -11.18 8.22 9.56
N ARG A 85 -9.86 8.28 9.63
CA ARG A 85 -9.07 8.33 10.89
C ARG A 85 -9.15 9.75 11.43
N LEU A 86 -9.41 9.89 12.73
CA LEU A 86 -9.40 11.21 13.42
C LEU A 86 -7.95 11.57 13.71
N VAL A 87 -7.27 11.93 12.62
CA VAL A 87 -5.90 12.49 12.57
C VAL A 87 -5.99 13.73 11.68
N PRO A 88 -4.98 14.63 11.69
CA PRO A 88 -5.06 15.82 10.86
C PRO A 88 -5.31 15.45 9.39
N ALA A 89 -6.04 16.31 8.68
CA ALA A 89 -6.43 16.17 7.26
C ALA A 89 -5.20 16.04 6.35
N ASP A 90 -4.01 16.47 6.80
CA ASP A 90 -2.76 16.35 6.01
C ASP A 90 -1.83 15.23 6.54
N ALA A 91 -2.24 14.39 7.50
CA ALA A 91 -1.40 13.32 8.08
C ALA A 91 -1.29 12.15 7.11
N ALA A 92 -0.27 11.32 7.28
CA ALA A 92 -0.03 10.13 6.44
C ALA A 92 -1.16 9.12 6.64
N GLU A 93 -1.85 9.17 7.79
CA GLU A 93 -2.95 8.22 8.14
C GLU A 93 -4.33 8.75 7.72
N SER A 94 -4.42 9.92 7.06
CA SER A 94 -5.69 10.53 6.58
C SER A 94 -6.12 9.86 5.26
N ASN A 95 -7.32 9.28 5.18
CA ASN A 95 -7.89 8.77 3.90
C ASN A 95 -8.11 9.95 2.94
N TYR A 96 -8.55 11.10 3.46
CA TYR A 96 -8.75 12.32 2.64
C TYR A 96 -7.41 12.77 2.02
N ASN A 97 -6.33 12.79 2.80
CA ASN A 97 -4.98 13.20 2.31
C ASN A 97 -4.57 12.32 1.11
N MET A 98 -4.75 11.01 1.22
CA MET A 98 -4.37 10.04 0.16
C MET A 98 -5.24 10.25 -1.09
N ALA A 99 -6.56 10.32 -0.94
CA ALA A 99 -7.52 10.50 -2.04
C ALA A 99 -7.23 11.83 -2.75
N ARG A 100 -6.91 12.87 -1.98
CA ARG A 100 -6.62 14.23 -2.46
C ARG A 100 -5.35 14.20 -3.32
N GLN A 101 -4.28 13.53 -2.86
CA GLN A 101 -3.00 13.51 -3.62
C GLN A 101 -3.24 12.78 -4.95
N ALA A 102 -4.04 11.72 -4.94
CA ALA A 102 -4.20 10.77 -6.07
C ALA A 102 -5.18 11.32 -7.11
N LEU A 103 -6.19 12.07 -6.69
CA LEU A 103 -7.38 12.41 -7.53
C LEU A 103 -8.05 13.73 -7.09
N LEU A 104 -8.39 13.91 -5.81
CA LEU A 104 -9.43 14.90 -5.44
C LEU A 104 -8.91 16.34 -5.55
N ARG A 105 -7.59 16.53 -5.61
CA ARG A 105 -6.96 17.87 -5.77
C ARG A 105 -7.49 18.52 -7.07
N ASP A 106 -7.91 17.73 -8.06
CA ASP A 106 -8.41 18.24 -9.36
C ASP A 106 -9.95 18.11 -9.51
N ILE A 107 -10.70 17.82 -8.44
CA ILE A 107 -12.19 17.69 -8.48
C ILE A 107 -12.82 18.97 -7.94
N PRO A 108 -13.90 19.50 -8.57
CA PRO A 108 -14.59 20.66 -8.03
C PRO A 108 -14.95 20.48 -6.55
N GLU A 109 -14.83 21.56 -5.76
CA GLU A 109 -14.81 21.51 -4.28
C GLU A 109 -16.16 21.02 -3.75
N ASP A 110 -17.26 21.40 -4.41
CA ASP A 110 -18.62 20.98 -3.98
C ASP A 110 -18.74 19.46 -4.13
N LEU A 111 -17.86 18.81 -4.91
CA LEU A 111 -17.95 17.34 -5.21
C LEU A 111 -17.00 16.55 -4.28
N VAL A 112 -16.41 17.21 -3.29
CA VAL A 112 -15.45 16.58 -2.36
C VAL A 112 -15.98 16.81 -0.96
N VAL A 113 -16.32 15.74 -0.24
CA VAL A 113 -17.02 15.87 1.05
C VAL A 113 -16.25 15.09 2.11
N PRO A 114 -15.16 15.66 2.65
CA PRO A 114 -14.36 15.01 3.70
C PRO A 114 -15.09 15.02 5.05
N VAL A 115 -14.66 14.15 5.96
CA VAL A 115 -15.10 14.20 7.39
C VAL A 115 -14.39 15.42 8.03
N ASP A 116 -15.11 16.26 8.76
CA ASP A 116 -14.48 17.35 9.56
C ASP A 116 -13.70 16.70 10.71
N VAL A 117 -12.37 16.84 10.74
CA VAL A 117 -11.48 16.23 11.78
C VAL A 117 -10.82 17.33 12.62
N GLY A 118 -11.37 18.54 12.62
CA GLY A 118 -10.87 19.70 13.37
C GLY A 118 -10.74 19.39 14.85
N CYS A 119 -11.61 18.54 15.39
CA CYS A 119 -11.57 18.08 16.81
C CYS A 119 -10.13 17.66 17.19
N VAL A 120 -9.37 17.06 16.26
CA VAL A 120 -7.91 16.79 16.45
C VAL A 120 -7.21 18.15 16.57
N GLY A 121 -6.42 18.36 17.63
CA GLY A 121 -5.69 19.62 17.83
C GLY A 121 -6.52 20.70 18.54
N LYS A 122 -7.85 20.56 18.54
CA LYS A 122 -8.76 21.28 19.48
C LYS A 122 -8.78 20.51 20.82
N VAL A 123 -8.30 19.26 20.84
CA VAL A 123 -8.16 18.38 22.04
C VAL A 123 -6.74 17.81 22.04
N SER A 124 -6.26 17.38 23.21
CA SER A 124 -4.91 16.77 23.41
C SER A 124 -4.94 15.31 22.95
N LYS A 125 -5.96 14.55 23.37
CA LYS A 125 -6.15 13.11 23.00
C LYS A 125 -7.61 12.90 22.57
N VAL A 126 -7.83 12.51 21.30
CA VAL A 126 -9.17 12.20 20.75
C VAL A 126 -9.75 11.04 21.56
N ALA A 127 -10.98 11.20 22.05
CA ALA A 127 -11.73 10.17 22.81
C ALA A 127 -13.03 9.86 22.06
N CYS A 128 -13.75 8.85 22.55
CA CYS A 128 -15.01 8.33 21.98
C CYS A 128 -15.99 9.48 21.69
N ASN A 129 -16.15 10.43 22.61
CA ASN A 129 -17.17 11.50 22.53
C ASN A 129 -16.83 12.46 21.39
N ASP A 130 -15.54 12.68 21.12
CA ASP A 130 -15.03 13.47 19.98
C ASP A 130 -15.40 12.78 18.66
N ALA A 131 -15.12 11.47 18.56
CA ALA A 131 -15.46 10.63 17.39
C ALA A 131 -16.98 10.69 17.16
N VAL A 132 -17.77 10.52 18.22
CA VAL A 132 -19.25 10.49 18.09
C VAL A 132 -19.76 11.85 17.56
N LYS A 133 -19.20 12.98 18.00
CA LYS A 133 -19.67 14.32 17.55
C LYS A 133 -19.29 14.52 16.07
N SER A 134 -18.13 14.00 15.67
CA SER A 134 -17.66 14.02 14.26
C SER A 134 -18.57 13.14 13.36
N ALA A 135 -18.97 11.96 13.83
CA ALA A 135 -19.90 11.05 13.11
C ALA A 135 -21.24 11.73 12.91
N ASP A 136 -21.77 12.40 13.96
CA ASP A 136 -23.07 13.10 13.90
C ASP A 136 -22.97 14.27 12.90
N ALA A 137 -21.84 14.97 12.88
CA ALA A 137 -21.63 16.12 11.97
C ALA A 137 -21.59 15.58 10.52
N TYR A 138 -20.93 14.45 10.27
CA TYR A 138 -20.84 13.86 8.92
C TYR A 138 -22.20 13.33 8.50
N GLU A 139 -22.93 12.68 9.39
CA GLU A 139 -24.33 12.25 9.11
C GLU A 139 -25.17 13.43 8.61
N LYS A 140 -25.10 14.59 9.28
CA LYS A 140 -25.93 15.78 8.90
C LYS A 140 -25.48 16.26 7.50
N LYS A 141 -24.19 16.24 7.23
CA LYS A 141 -23.63 16.68 5.93
C LYS A 141 -24.17 15.76 4.83
N ILE A 142 -24.09 14.44 5.02
CA ILE A 142 -24.56 13.43 4.02
C ILE A 142 -26.07 13.65 3.79
N ALA A 143 -26.85 13.85 4.86
CA ALA A 143 -28.33 14.00 4.80
C ALA A 143 -28.66 15.24 3.95
N LEU A 144 -27.92 16.32 4.15
CA LEU A 144 -28.14 17.59 3.40
C LEU A 144 -27.85 17.38 1.92
N LEU A 145 -26.75 16.70 1.58
CA LEU A 145 -26.27 16.63 0.18
C LEU A 145 -27.08 15.59 -0.58
N LEU A 146 -27.44 14.48 0.06
CA LEU A 146 -28.07 13.32 -0.63
C LEU A 146 -29.55 13.23 -0.30
N GLY A 147 -29.98 13.82 0.82
CA GLY A 147 -31.30 13.50 1.41
C GLY A 147 -31.29 12.08 1.96
N THR A 148 -32.42 11.68 2.54
CA THR A 148 -32.56 10.41 3.27
C THR A 148 -33.90 9.80 2.90
N GLN A 149 -34.10 8.52 3.21
CA GLN A 149 -35.41 7.84 3.04
C GLN A 149 -35.60 6.77 4.11
N LYS A 150 -36.88 6.54 4.44
CA LYS A 150 -37.40 5.39 5.22
C LYS A 150 -37.03 4.11 4.48
N VAL A 151 -36.48 3.15 5.23
CA VAL A 151 -35.95 1.86 4.72
C VAL A 151 -36.31 0.78 5.77
N GLU A 152 -36.69 -0.41 5.31
CA GLU A 152 -37.06 -1.57 6.15
C GLU A 152 -38.12 -1.18 7.19
N GLY A 153 -39.23 -0.57 6.76
CA GLY A 153 -40.36 -0.20 7.64
C GLY A 153 -40.18 1.16 8.30
N ALA A 156 -36.05 5.11 11.22
CA ALA A 156 -34.71 5.60 10.79
C ALA A 156 -34.75 5.99 9.32
N GLU A 157 -34.18 7.16 8.99
CA GLU A 157 -34.04 7.65 7.60
C GLU A 157 -32.56 7.58 7.21
N ILE A 158 -32.29 6.92 6.12
CA ILE A 158 -30.91 6.56 5.72
C ILE A 158 -30.68 7.21 4.37
N PRO A 159 -29.49 7.82 4.17
CA PRO A 159 -29.07 8.21 2.84
C PRO A 159 -28.79 6.94 2.03
N VAL A 160 -29.08 7.00 0.74
CA VAL A 160 -28.91 5.88 -0.20
C VAL A 160 -27.75 6.27 -1.11
N PHE A 161 -26.58 5.71 -0.85
CA PHE A 161 -25.35 5.89 -1.68
C PHE A 161 -25.54 5.15 -3.00
N ASP A 162 -25.11 5.78 -4.09
CA ASP A 162 -25.04 5.11 -5.41
C ASP A 162 -23.93 4.04 -5.37
N ILE A 163 -22.73 4.38 -4.88
CA ILE A 163 -21.59 3.43 -4.87
C ILE A 163 -20.99 3.41 -3.47
N VAL A 164 -20.75 2.21 -2.93
CA VAL A 164 -19.89 2.10 -1.74
C VAL A 164 -18.70 1.20 -2.09
N LEU A 165 -17.50 1.75 -1.99
CA LEU A 165 -16.22 1.00 -2.18
C LEU A 165 -15.69 0.50 -0.85
N LEU A 166 -15.40 -0.78 -0.75
CA LEU A 166 -14.93 -1.37 0.52
C LEU A 166 -13.64 -2.17 0.31
N GLY A 167 -12.81 -2.27 1.33
CA GLY A 167 -11.66 -3.21 1.32
C GLY A 167 -11.84 -4.22 2.45
N LEU A 168 -11.39 -5.47 2.27
CA LEU A 168 -11.46 -6.50 3.32
C LEU A 168 -10.13 -6.52 4.07
N GLY A 169 -10.17 -6.28 5.39
CA GLY A 169 -8.96 -6.36 6.23
C GLY A 169 -8.55 -7.80 6.49
N SER A 170 -7.35 -7.98 7.04
CA SER A 170 -6.78 -9.30 7.43
C SER A 170 -7.64 -9.89 8.55
N ASP A 171 -8.26 -9.02 9.36
CA ASP A 171 -9.20 -9.43 10.42
C ASP A 171 -10.64 -9.52 9.88
N GLY A 172 -10.87 -9.36 8.57
CA GLY A 172 -12.22 -9.49 7.96
C GLY A 172 -13.10 -8.27 8.26
N HIS A 173 -12.54 -7.17 8.76
CA HIS A 173 -13.28 -5.91 8.99
C HIS A 173 -13.45 -5.21 7.65
N THR A 174 -14.41 -4.30 7.56
CA THR A 174 -14.53 -3.41 6.38
C THR A 174 -14.90 -2.03 6.91
N ALA A 175 -14.64 -1.00 6.11
CA ALA A 175 -14.64 0.42 6.52
C ALA A 175 -13.85 0.52 7.82
N SER A 176 -14.42 1.07 8.89
CA SER A 176 -13.89 0.91 10.27
C SER A 176 -14.98 0.25 11.12
N ILE A 177 -15.67 -0.73 10.54
CA ILE A 177 -16.62 -1.59 11.28
C ILE A 177 -15.85 -2.79 11.85
N PHE A 178 -15.58 -2.77 13.16
CA PHE A 178 -14.85 -3.80 13.94
C PHE A 178 -15.82 -4.49 14.89
N HIS A 179 -15.63 -5.78 15.11
CA HIS A 179 -16.26 -6.47 16.25
C HIS A 179 -15.86 -5.69 17.49
N GLY A 180 -16.82 -5.36 18.35
CA GLY A 180 -16.55 -4.57 19.56
C GLY A 180 -16.81 -3.08 19.34
N SER A 181 -17.04 -2.64 18.10
CA SER A 181 -17.25 -1.19 17.85
C SER A 181 -18.73 -0.86 18.00
N GLN A 182 -18.97 0.41 18.31
CA GLN A 182 -20.29 1.11 18.26
C GLN A 182 -20.94 0.82 16.90
N ALA A 183 -20.17 0.72 15.81
CA ALA A 183 -20.68 0.44 14.44
C ALA A 183 -21.04 -1.05 14.25
N GLU A 184 -20.49 -1.96 15.06
CA GLU A 184 -20.47 -3.41 14.73
C GLU A 184 -21.81 -3.86 14.17
N SER A 185 -22.94 -3.52 14.81
CA SER A 185 -24.31 -3.96 14.43
C SER A 185 -25.26 -2.77 14.22
N GLU A 186 -24.74 -1.56 14.02
CA GLU A 186 -25.58 -0.33 14.10
C GLU A 186 -26.57 -0.33 12.93
N MET A 187 -27.86 -0.35 13.23
CA MET A 187 -28.93 -0.50 12.19
C MET A 187 -29.86 0.71 12.17
N HIS A 188 -29.61 1.78 12.93
CA HIS A 188 -30.46 3.01 12.89
C HIS A 188 -29.67 4.21 12.36
N ARG A 189 -28.48 4.49 12.91
CA ARG A 189 -27.61 5.62 12.51
C ARG A 189 -26.93 5.30 11.15
N ALA A 190 -26.77 6.29 10.28
CA ALA A 190 -26.09 6.13 8.96
C ALA A 190 -24.57 6.08 9.16
N VAL A 191 -24.06 6.75 10.21
CA VAL A 191 -22.62 6.95 10.53
C VAL A 191 -22.41 6.67 12.02
N SER A 192 -21.29 6.05 12.37
CA SER A 192 -20.94 5.73 13.76
C SER A 192 -19.42 5.77 13.89
N VAL A 193 -18.87 5.05 14.85
CA VAL A 193 -17.43 5.19 15.21
C VAL A 193 -16.87 3.81 15.47
N GLY A 194 -15.57 3.69 15.41
CA GLY A 194 -14.88 2.44 15.69
C GLY A 194 -13.45 2.72 16.04
N PHE A 195 -12.94 1.92 16.98
CA PHE A 195 -11.51 1.87 17.34
C PHE A 195 -10.99 0.51 16.86
N PRO A 196 -9.77 0.42 16.30
CA PRO A 196 -9.30 -0.85 15.76
C PRO A 196 -9.08 -1.87 16.87
N SER A 197 -9.23 -3.15 16.50
CA SER A 197 -8.98 -4.33 17.36
C SER A 197 -7.47 -4.48 17.56
N PRO A 198 -7.01 -5.17 18.62
CA PRO A 198 -5.59 -5.34 18.94
C PRO A 198 -4.58 -5.53 17.80
N THR A 199 -4.86 -6.39 16.82
CA THR A 199 -3.89 -6.65 15.72
C THR A 199 -3.93 -5.56 14.65
N MET A 200 -4.75 -4.51 14.79
CA MET A 200 -5.00 -3.53 13.70
C MET A 200 -4.48 -2.14 14.08
N SER A 201 -3.81 -1.49 13.15
CA SER A 201 -3.19 -0.14 13.26
C SER A 201 -3.59 0.64 12.02
N PRO A 202 -3.60 1.99 12.06
CA PRO A 202 -3.23 2.77 13.25
C PRO A 202 -4.27 2.85 14.37
N LYS A 203 -3.77 3.00 15.60
CA LYS A 203 -4.54 3.03 16.86
C LYS A 203 -5.12 4.43 17.05
N VAL A 204 -6.06 4.78 16.18
CA VAL A 204 -6.81 6.06 16.23
C VAL A 204 -8.31 5.75 16.08
N TRP A 205 -9.13 6.59 16.68
CA TRP A 205 -10.59 6.58 16.53
C TRP A 205 -10.92 6.80 15.05
N ARG A 206 -12.01 6.18 14.58
CA ARG A 206 -12.46 6.39 13.19
C ARG A 206 -13.94 6.70 13.19
N VAL A 207 -14.33 7.53 12.22
CA VAL A 207 -15.75 7.74 11.87
C VAL A 207 -15.98 6.76 10.71
N THR A 208 -17.12 6.09 10.66
CA THR A 208 -17.39 5.02 9.69
C THR A 208 -18.87 5.05 9.35
N LEU A 209 -19.16 4.70 8.11
CA LEU A 209 -20.51 4.30 7.69
C LEU A 209 -20.84 2.98 8.38
N THR A 210 -22.14 2.77 8.57
CA THR A 210 -22.67 1.65 9.36
C THR A 210 -23.07 0.55 8.39
N PRO A 211 -23.29 -0.68 8.90
CA PRO A 211 -23.87 -1.72 8.07
C PRO A 211 -25.17 -1.28 7.38
N ILE A 212 -26.11 -0.66 8.09
CA ILE A 212 -27.44 -0.33 7.49
C ILE A 212 -27.22 0.58 6.26
N THR A 213 -26.24 1.46 6.29
CA THR A 213 -25.93 2.36 5.16
C THR A 213 -25.40 1.57 3.96
N ILE A 214 -24.47 0.64 4.18
CA ILE A 214 -23.86 -0.20 3.12
C ILE A 214 -24.95 -1.12 2.56
N ILE A 215 -25.75 -1.69 3.44
CA ILE A 215 -26.83 -2.65 3.08
C ILE A 215 -27.82 -2.00 2.11
N HIS A 216 -28.04 -0.68 2.20
CA HIS A 216 -29.00 0.05 1.33
C HIS A 216 -28.34 0.81 0.16
N ALA A 217 -27.02 0.70 -0.06
CA ALA A 217 -26.33 1.37 -1.19
C ALA A 217 -26.83 0.68 -2.45
N ARG A 218 -26.98 1.40 -3.55
CA ARG A 218 -27.39 0.83 -4.87
C ARG A 218 -26.30 -0.08 -5.43
N HIS A 219 -25.02 0.26 -5.23
CA HIS A 219 -23.87 -0.58 -5.66
C HIS A 219 -22.81 -0.67 -4.58
N VAL A 220 -22.36 -1.89 -4.30
CA VAL A 220 -21.28 -2.16 -3.32
C VAL A 220 -20.18 -2.92 -4.06
N ILE A 221 -18.96 -2.45 -3.94
CA ILE A 221 -17.76 -3.04 -4.62
C ILE A 221 -16.76 -3.33 -3.51
N LEU A 222 -16.48 -4.63 -3.27
CA LEU A 222 -15.48 -5.05 -2.27
C LEU A 222 -14.22 -5.45 -3.02
N LEU A 223 -13.09 -4.91 -2.57
CA LEU A 223 -11.73 -5.26 -3.06
C LEU A 223 -11.08 -6.16 -2.00
N ALA A 224 -10.66 -7.35 -2.36
CA ALA A 224 -9.98 -8.27 -1.40
C ALA A 224 -8.86 -9.06 -2.10
N THR A 225 -7.67 -9.07 -1.50
CA THR A 225 -6.50 -9.81 -2.02
C THR A 225 -5.83 -10.59 -0.90
N GLY A 226 -5.02 -11.58 -1.26
CA GLY A 226 -4.04 -12.23 -0.39
C GLY A 226 -4.54 -13.57 0.07
N LYS A 227 -3.70 -14.59 -0.05
CA LYS A 227 -3.98 -15.93 0.55
C LYS A 227 -4.36 -15.75 2.02
N GLU A 228 -3.79 -14.79 2.74
CA GLU A 228 -3.97 -14.58 4.20
C GLU A 228 -5.41 -14.14 4.54
N LYS A 229 -6.22 -13.70 3.57
CA LYS A 229 -7.62 -13.25 3.81
C LYS A 229 -8.62 -14.29 3.29
N LYS A 230 -8.15 -15.46 2.90
CA LYS A 230 -9.00 -16.50 2.29
C LYS A 230 -9.99 -17.02 3.34
N CYS A 231 -9.56 -17.14 4.57
CA CYS A 231 -10.43 -17.61 5.68
C CYS A 231 -11.55 -16.58 5.95
N VAL A 232 -11.23 -15.29 6.15
CA VAL A 232 -12.28 -14.26 6.38
C VAL A 232 -13.18 -14.14 5.13
N LEU A 233 -12.64 -14.24 3.92
CA LEU A 233 -13.53 -14.14 2.72
C LEU A 233 -14.52 -15.30 2.73
N ASN A 234 -14.05 -16.51 2.97
CA ASN A 234 -14.88 -17.74 3.01
C ASN A 234 -16.00 -17.56 4.06
N GLY A 235 -15.78 -16.83 5.14
CA GLY A 235 -16.79 -16.65 6.21
C GLY A 235 -17.88 -15.70 5.79
N ILE A 236 -17.68 -14.88 4.73
CA ILE A 236 -18.77 -14.07 4.11
C ILE A 236 -19.55 -14.95 3.12
N ILE A 237 -18.81 -15.67 2.26
CA ILE A 237 -19.37 -16.32 1.03
C ILE A 237 -20.04 -17.65 1.38
N ALA A 238 -19.40 -18.51 2.18
CA ALA A 238 -19.95 -19.82 2.62
C ALA A 238 -21.27 -19.60 3.40
N ASP A 239 -22.27 -20.44 3.14
CA ASP A 239 -23.64 -20.25 3.69
C ASP A 239 -23.62 -20.62 5.17
N THR A 240 -22.85 -21.65 5.54
CA THR A 240 -23.07 -22.40 6.78
C THR A 240 -21.82 -22.50 7.67
N PRO A 241 -20.88 -21.55 7.69
CA PRO A 241 -19.68 -21.73 8.51
C PRO A 241 -20.03 -21.48 9.99
N THR A 242 -19.23 -22.02 10.89
CA THR A 242 -19.46 -21.93 12.35
C THR A 242 -19.10 -20.51 12.80
N GLU A 243 -17.94 -20.03 12.36
CA GLU A 243 -17.37 -18.71 12.75
C GLU A 243 -17.42 -17.76 11.56
N VAL A 244 -17.67 -16.48 11.78
CA VAL A 244 -17.77 -15.47 10.69
C VAL A 244 -17.02 -14.20 11.10
N PRO A 245 -16.50 -13.46 10.11
CA PRO A 245 -15.96 -12.13 10.34
C PRO A 245 -17.13 -11.13 10.41
N VAL A 246 -16.85 -9.92 10.90
CA VAL A 246 -17.84 -8.82 11.10
C VAL A 246 -18.44 -8.41 9.77
N SER A 247 -17.74 -8.56 8.65
CA SER A 247 -18.20 -8.26 7.26
C SER A 247 -19.20 -9.31 6.71
N ARG A 248 -19.55 -10.33 7.50
CA ARG A 248 -20.72 -11.24 7.28
C ARG A 248 -21.98 -10.48 6.85
N PHE A 249 -22.19 -9.26 7.33
CA PHE A 249 -23.41 -8.44 7.07
C PHE A 249 -23.54 -8.15 5.56
N LEU A 250 -22.45 -8.10 4.78
CA LEU A 250 -22.52 -7.80 3.32
C LEU A 250 -23.48 -8.78 2.61
N ARG A 251 -23.76 -9.95 3.20
CA ARG A 251 -24.72 -10.93 2.61
C ARG A 251 -26.11 -10.29 2.57
N ASN A 252 -26.39 -9.33 3.43
CA ASN A 252 -27.71 -8.66 3.54
C ASN A 252 -27.81 -7.46 2.58
N CYS A 253 -26.80 -7.20 1.76
CA CYS A 253 -26.81 -6.01 0.86
C CYS A 253 -28.02 -6.08 -0.08
N LYS A 254 -28.75 -4.95 -0.20
CA LYS A 254 -30.01 -4.88 -1.00
C LYS A 254 -29.70 -4.56 -2.45
N GLY A 255 -28.53 -3.99 -2.71
CA GLY A 255 -28.12 -3.49 -4.03
C GLY A 255 -27.34 -4.52 -4.83
N ASP A 256 -26.65 -4.03 -5.85
CA ASP A 256 -25.80 -4.82 -6.78
C ASP A 256 -24.40 -4.94 -6.16
N VAL A 257 -24.00 -6.16 -5.77
CA VAL A 257 -22.74 -6.45 -5.04
C VAL A 257 -21.73 -7.07 -5.99
N THR A 258 -20.54 -6.49 -6.07
CA THR A 258 -19.39 -7.03 -6.85
C THR A 258 -18.21 -7.22 -5.92
N PHE A 259 -17.69 -8.46 -5.85
CA PHE A 259 -16.42 -8.82 -5.18
C PHE A 259 -15.35 -8.94 -6.27
N ILE A 260 -14.29 -8.16 -6.15
CA ILE A 260 -13.14 -8.15 -7.09
C ILE A 260 -11.97 -8.74 -6.31
N LEU A 261 -11.50 -9.90 -6.74
CA LEU A 261 -10.53 -10.76 -6.01
C LEU A 261 -9.28 -11.03 -6.86
N ASP A 262 -8.16 -11.34 -6.20
CA ASP A 262 -6.98 -11.96 -6.84
C ASP A 262 -7.16 -13.48 -6.79
N LYS A 263 -6.30 -14.22 -7.48
CA LYS A 263 -6.31 -15.71 -7.57
C LYS A 263 -6.11 -16.29 -6.16
N GLU A 264 -5.14 -15.77 -5.41
CA GLU A 264 -4.70 -16.35 -4.12
C GLU A 264 -5.86 -16.31 -3.10
N ILE A 265 -6.66 -15.24 -3.02
CA ILE A 265 -7.79 -15.18 -2.03
C ILE A 265 -8.94 -16.06 -2.49
N ALA A 266 -9.06 -16.31 -3.80
CA ALA A 266 -10.19 -16.99 -4.47
C ALA A 266 -9.96 -18.50 -4.66
N GLU A 267 -8.96 -19.12 -4.02
CA GLU A 267 -8.57 -20.55 -4.27
C GLU A 267 -9.71 -21.52 -3.90
N ASN A 268 -10.56 -21.22 -2.91
CA ASN A 268 -11.66 -22.14 -2.48
C ASN A 268 -13.02 -21.75 -3.11
N LEU A 269 -13.12 -20.65 -3.84
CA LEU A 269 -14.38 -20.24 -4.50
C LEU A 269 -14.61 -21.10 -5.74
N THR A 270 -15.87 -21.30 -6.13
CA THR A 270 -16.26 -21.78 -7.49
C THR A 270 -16.58 -20.55 -8.36
N CYS A 271 -15.90 -19.42 -8.06
CA CYS A 271 -15.81 -18.12 -8.82
C CYS A 271 -17.10 -17.81 -9.59
N HIS B 6 31.94 18.87 -19.65
CA HIS B 6 31.17 20.15 -19.60
C HIS B 6 30.95 20.52 -18.13
N HIS B 7 29.96 21.37 -17.82
CA HIS B 7 29.90 22.20 -16.57
C HIS B 7 29.44 21.39 -15.37
N HIS B 8 28.84 20.22 -15.59
CA HIS B 8 28.06 19.47 -14.58
C HIS B 8 28.28 17.98 -14.80
N MET B 9 28.33 17.19 -13.74
CA MET B 9 28.20 15.72 -13.77
C MET B 9 26.79 15.41 -14.29
N SER B 10 26.68 14.41 -15.17
CA SER B 10 25.41 13.90 -15.73
C SER B 10 24.98 12.66 -14.94
N PHE B 11 23.70 12.49 -14.70
CA PHE B 11 23.11 11.25 -14.15
C PHE B 11 22.08 10.78 -15.17
N LYS B 12 22.36 9.69 -15.86
CA LYS B 12 21.51 9.15 -16.96
C LYS B 12 21.03 7.75 -16.59
N PRO B 13 20.19 7.57 -15.56
CA PRO B 13 19.51 6.29 -15.39
C PRO B 13 18.57 6.03 -16.59
N LYS B 14 18.22 4.77 -16.79
CA LYS B 14 17.13 4.35 -17.68
C LYS B 14 15.83 4.78 -16.99
N ILE B 15 15.06 5.64 -17.61
CA ILE B 15 13.77 6.13 -17.03
C ILE B 15 12.65 5.44 -17.82
N ILE B 16 11.77 4.71 -17.15
CA ILE B 16 10.53 4.15 -17.75
C ILE B 16 9.33 4.81 -17.05
N VAL B 17 8.55 5.55 -17.83
CA VAL B 17 7.31 6.24 -17.36
C VAL B 17 6.11 5.37 -17.73
N CYS B 18 5.34 4.92 -16.76
CA CYS B 18 4.10 4.11 -16.99
C CYS B 18 2.85 4.99 -16.90
N GLY B 19 1.90 4.77 -17.80
CA GLY B 19 0.66 5.56 -17.93
C GLY B 19 -0.22 5.45 -16.70
N SER B 20 -0.41 4.21 -16.24
CA SER B 20 -1.17 3.87 -15.02
C SER B 20 -0.22 3.38 -13.95
N PRO B 21 -0.13 4.09 -12.80
CA PRO B 21 0.65 3.62 -11.65
C PRO B 21 0.54 2.11 -11.33
N ALA B 22 -0.51 1.43 -11.80
CA ALA B 22 -0.70 -0.02 -11.61
C ALA B 22 0.06 -0.85 -12.68
N GLU B 23 0.80 -0.19 -13.58
CA GLU B 23 1.65 -0.79 -14.64
C GLU B 23 3.11 -0.90 -14.15
N LEU B 24 3.46 -0.25 -13.02
CA LEU B 24 4.87 -0.21 -12.52
C LEU B 24 5.33 -1.64 -12.16
N SER B 25 4.53 -2.44 -11.43
CA SER B 25 4.95 -3.79 -11.00
C SER B 25 5.22 -4.66 -12.23
N GLY B 26 4.41 -4.52 -13.29
CA GLY B 26 4.58 -5.23 -14.57
C GLY B 26 5.93 -4.92 -15.21
N VAL B 27 6.31 -3.64 -15.28
CA VAL B 27 7.63 -3.22 -15.83
C VAL B 27 8.78 -3.70 -14.93
N ALA B 28 8.62 -3.64 -13.62
CA ALA B 28 9.64 -4.05 -12.64
C ALA B 28 9.92 -5.56 -12.78
N CYS B 29 8.85 -6.32 -12.83
CA CYS B 29 8.89 -7.79 -13.02
C CYS B 29 9.64 -8.14 -14.32
N LYS B 30 9.35 -7.43 -15.42
CA LYS B 30 10.00 -7.69 -16.73
C LYS B 30 11.52 -7.44 -16.60
N LYS B 31 11.88 -6.31 -16.01
CA LYS B 31 13.31 -5.91 -15.78
C LYS B 31 14.02 -7.01 -14.96
N ILE B 32 13.45 -7.44 -13.84
CA ILE B 32 14.06 -8.50 -13.00
C ILE B 32 14.26 -9.79 -13.81
N VAL B 33 13.25 -10.22 -14.56
CA VAL B 33 13.34 -11.46 -15.38
C VAL B 33 14.41 -11.26 -16.47
N GLU B 34 14.48 -10.10 -17.11
CA GLU B 34 15.53 -9.78 -18.10
C GLU B 34 16.92 -9.94 -17.48
N ILE B 35 17.12 -9.43 -16.26
CA ILE B 35 18.44 -9.51 -15.57
C ILE B 35 18.73 -11.01 -15.31
N ILE B 36 17.72 -11.79 -14.92
CA ILE B 36 17.92 -13.22 -14.62
C ILE B 36 18.38 -13.94 -15.90
N HIS B 37 17.65 -13.75 -17.00
CA HIS B 37 17.92 -14.43 -18.29
C HIS B 37 19.24 -13.97 -18.94
N ALA B 38 19.76 -12.78 -18.61
CA ALA B 38 20.98 -12.22 -19.22
C ALA B 38 22.21 -12.79 -18.50
N SER B 39 21.97 -13.51 -17.41
CA SER B 39 22.96 -13.97 -16.42
C SER B 39 23.19 -15.47 -16.62
N GLU B 40 24.43 -15.93 -16.56
CA GLU B 40 24.76 -17.37 -16.57
C GLU B 40 24.11 -18.07 -15.37
N ARG B 41 23.43 -19.19 -15.61
CA ARG B 41 22.83 -20.08 -14.57
C ARG B 41 23.88 -20.49 -13.51
N THR B 42 25.18 -20.49 -13.83
CA THR B 42 26.24 -20.86 -12.86
C THR B 42 26.39 -19.79 -11.78
N ASN B 43 25.91 -18.57 -12.02
CA ASN B 43 25.96 -17.42 -11.07
C ASN B 43 24.67 -17.35 -10.27
N TRP B 44 23.65 -18.12 -10.67
CA TRP B 44 22.40 -18.25 -9.87
C TRP B 44 22.74 -18.95 -8.56
N PRO B 45 22.02 -18.65 -7.46
CA PRO B 45 20.98 -17.62 -7.46
C PRO B 45 21.58 -16.22 -7.38
N LEU B 46 20.99 -15.28 -8.12
CA LEU B 46 21.36 -13.85 -8.05
C LEU B 46 20.79 -13.26 -6.76
N SER B 47 21.60 -12.47 -6.06
CA SER B 47 21.19 -11.78 -4.81
C SER B 47 20.24 -10.62 -5.14
N ILE B 48 19.08 -10.58 -4.51
CA ILE B 48 18.15 -9.42 -4.62
C ILE B 48 17.89 -8.89 -3.20
N ALA B 49 17.90 -7.58 -3.01
CA ALA B 49 17.46 -6.94 -1.77
C ALA B 49 16.09 -6.35 -2.04
N LEU B 50 15.08 -6.84 -1.30
CA LEU B 50 13.66 -6.45 -1.47
C LEU B 50 13.39 -5.15 -0.70
N SER B 51 12.54 -4.28 -1.24
CA SER B 51 11.91 -3.17 -0.50
C SER B 51 10.53 -3.57 0.00
N GLY B 52 10.04 -2.87 1.05
CA GLY B 52 8.65 -2.96 1.54
C GLY B 52 7.73 -1.96 0.82
N GLY B 53 6.46 -1.94 1.20
CA GLY B 53 5.44 -1.07 0.56
C GLY B 53 4.51 -1.82 -0.35
N SER B 54 3.55 -1.11 -0.93
CA SER B 54 2.41 -1.71 -1.66
C SER B 54 2.77 -1.98 -3.14
N THR B 55 3.60 -1.15 -3.76
CA THR B 55 4.08 -1.39 -5.16
C THR B 55 4.96 -2.65 -5.19
N PRO B 56 6.01 -2.76 -4.36
CA PRO B 56 6.73 -4.02 -4.19
C PRO B 56 5.80 -5.23 -3.95
N LYS B 57 4.83 -5.11 -3.04
CA LYS B 57 3.92 -6.23 -2.64
C LYS B 57 3.23 -6.76 -3.90
N MET B 58 2.91 -5.87 -4.82
CA MET B 58 2.26 -6.25 -6.09
C MET B 58 3.27 -6.92 -7.01
N LEU B 59 4.50 -6.39 -7.09
CA LEU B 59 5.60 -7.00 -7.87
C LEU B 59 5.82 -8.43 -7.37
N TYR B 60 5.81 -8.66 -6.06
CA TYR B 60 6.16 -9.98 -5.48
C TYR B 60 5.02 -10.97 -5.74
N SER B 61 3.76 -10.50 -5.73
CA SER B 61 2.57 -11.33 -6.05
C SER B 61 2.60 -11.65 -7.54
N LEU B 62 2.97 -10.68 -8.36
CA LEU B 62 3.14 -10.90 -9.81
C LEU B 62 4.22 -11.98 -10.08
N LEU B 63 5.37 -11.91 -9.43
CA LEU B 63 6.47 -12.93 -9.55
C LEU B 63 5.93 -14.32 -9.18
N HIS B 64 5.10 -14.36 -8.12
CA HIS B 64 4.54 -15.59 -7.53
C HIS B 64 3.56 -16.22 -8.52
N GLU B 65 2.71 -15.41 -9.16
CA GLU B 65 1.65 -15.90 -10.07
C GLU B 65 2.29 -16.27 -11.42
N GLU B 66 3.30 -15.56 -11.92
CA GLU B 66 3.76 -15.76 -13.31
C GLU B 66 5.17 -16.36 -13.43
N HIS B 67 5.97 -16.40 -12.38
CA HIS B 67 7.41 -16.78 -12.50
C HIS B 67 7.82 -17.76 -11.38
N LEU B 68 6.86 -18.48 -10.78
CA LEU B 68 7.22 -19.34 -9.65
C LEU B 68 8.20 -20.44 -10.10
N HIS B 69 8.06 -20.96 -11.32
CA HIS B 69 8.93 -22.06 -11.80
C HIS B 69 10.39 -21.57 -11.83
N LEU B 70 10.59 -20.34 -12.26
CA LEU B 70 11.93 -19.73 -12.39
C LEU B 70 12.52 -19.58 -10.99
N LEU B 71 11.71 -19.21 -10.01
CA LEU B 71 12.19 -18.83 -8.65
C LEU B 71 12.27 -20.05 -7.72
N LYS B 72 11.31 -20.96 -7.80
CA LYS B 72 11.23 -22.14 -6.89
C LYS B 72 12.06 -23.29 -7.50
N GLU B 73 11.70 -23.78 -8.69
CA GLU B 73 12.36 -24.95 -9.34
C GLU B 73 13.75 -24.60 -9.83
N GLU B 74 13.93 -23.42 -10.45
N GLU B 74 13.94 -23.41 -10.44
CA GLU B 74 15.22 -23.06 -11.11
CA GLU B 74 15.22 -23.03 -11.11
C GLU B 74 16.08 -22.23 -10.16
C GLU B 74 16.07 -22.16 -10.17
N ARG B 75 15.57 -21.87 -8.96
CA ARG B 75 16.36 -21.23 -7.89
C ARG B 75 17.09 -20.00 -8.43
N ALA B 76 16.42 -19.09 -9.13
CA ALA B 76 17.08 -17.99 -9.85
C ALA B 76 17.52 -16.84 -8.92
N LEU B 77 16.90 -16.69 -7.74
CA LEU B 77 17.08 -15.52 -6.84
C LEU B 77 17.25 -15.99 -5.39
N ARG B 78 18.09 -15.25 -4.66
CA ARG B 78 18.24 -15.34 -3.21
C ARG B 78 17.78 -13.99 -2.66
N PHE B 79 16.76 -14.06 -1.80
CA PHE B 79 15.97 -12.91 -1.37
C PHE B 79 16.54 -12.43 -0.03
N PHE B 80 17.06 -11.21 -0.04
CA PHE B 80 17.50 -10.42 1.13
C PHE B 80 16.58 -9.21 1.27
N PHE B 81 16.76 -8.42 2.32
CA PHE B 81 15.93 -7.22 2.57
C PHE B 81 16.85 -6.01 2.58
N GLY B 82 16.45 -4.99 1.84
CA GLY B 82 17.11 -3.67 1.83
C GLY B 82 16.94 -3.01 3.19
N ASP B 83 15.79 -3.25 3.82
CA ASP B 83 15.53 -2.80 5.20
C ASP B 83 14.46 -3.68 5.84
N GLU B 84 14.38 -3.57 7.17
CA GLU B 84 13.41 -4.31 7.98
C GLU B 84 13.13 -3.48 9.24
N ARG B 85 11.86 -3.41 9.61
CA ARG B 85 11.37 -2.85 10.88
C ARG B 85 11.64 -3.86 11.96
N LEU B 86 12.20 -3.43 13.09
CA LEU B 86 12.46 -4.31 14.25
C LEU B 86 11.14 -4.39 15.02
N VAL B 87 10.19 -5.10 14.43
CA VAL B 87 8.90 -5.58 14.99
C VAL B 87 8.85 -7.10 14.80
N PRO B 88 7.93 -7.84 15.45
CA PRO B 88 7.89 -9.28 15.28
C PRO B 88 7.78 -9.68 13.79
N ALA B 89 8.36 -10.81 13.43
CA ALA B 89 8.43 -11.35 12.05
C ALA B 89 7.03 -11.57 11.48
N ASP B 90 5.99 -11.65 12.32
CA ASP B 90 4.59 -11.85 11.86
C ASP B 90 3.76 -10.56 12.01
N ALA B 91 4.33 -9.40 12.35
CA ALA B 91 3.57 -8.14 12.55
C ALA B 91 3.20 -7.55 11.18
N ALA B 92 2.18 -6.70 11.15
CA ALA B 92 1.71 -6.03 9.91
C ALA B 92 2.80 -5.11 9.38
N GLU B 93 3.73 -4.65 10.23
CA GLU B 93 4.80 -3.68 9.84
C GLU B 93 6.09 -4.42 9.46
N SER B 94 6.10 -5.76 9.41
CA SER B 94 7.26 -6.59 9.00
C SER B 94 7.34 -6.64 7.46
N ASN B 95 8.46 -6.23 6.86
CA ASN B 95 8.70 -6.39 5.40
C ASN B 95 8.76 -7.89 5.06
N TYR B 96 9.36 -8.69 5.93
CA TYR B 96 9.45 -10.16 5.76
C TYR B 96 8.03 -10.76 5.71
N ASN B 97 7.16 -10.37 6.66
CA ASN B 97 5.76 -10.88 6.73
C ASN B 97 5.05 -10.65 5.38
N MET B 98 5.15 -9.43 4.82
CA MET B 98 4.50 -9.05 3.55
C MET B 98 5.09 -9.89 2.38
N ALA B 99 6.42 -9.93 2.25
CA ALA B 99 7.10 -10.65 1.16
C ALA B 99 6.76 -12.15 1.24
N ARG B 100 6.69 -12.70 2.45
CA ARG B 100 6.38 -14.12 2.74
C ARG B 100 4.93 -14.41 2.27
N GLN B 101 3.96 -13.55 2.61
CA GLN B 101 2.54 -13.79 2.24
C GLN B 101 2.41 -13.75 0.71
N ALA B 102 3.15 -12.85 0.05
CA ALA B 102 3.00 -12.55 -1.39
C ALA B 102 3.75 -13.57 -2.26
N LEU B 103 4.87 -14.11 -1.78
CA LEU B 103 5.85 -14.86 -2.61
C LEU B 103 6.65 -15.89 -1.79
N LEU B 104 7.29 -15.50 -0.68
CA LEU B 104 8.45 -16.26 -0.15
C LEU B 104 8.00 -17.54 0.55
N ARG B 105 6.71 -17.66 0.88
CA ARG B 105 6.12 -18.89 1.48
C ARG B 105 6.38 -20.07 0.53
N ASP B 106 6.48 -19.84 -0.78
CA ASP B 106 6.74 -20.92 -1.76
C ASP B 106 8.19 -20.94 -2.31
N ILE B 107 9.16 -20.26 -1.67
CA ILE B 107 10.60 -20.25 -2.12
C ILE B 107 11.39 -21.18 -1.20
N PRO B 108 12.32 -22.00 -1.71
CA PRO B 108 13.19 -22.81 -0.84
C PRO B 108 13.87 -21.95 0.25
N GLU B 109 13.95 -22.50 1.47
CA GLU B 109 14.32 -21.78 2.71
C GLU B 109 15.74 -21.22 2.59
N ASP B 110 16.66 -21.93 1.95
CA ASP B 110 18.05 -21.45 1.78
C ASP B 110 18.07 -20.17 0.93
N LEU B 111 17.00 -19.89 0.17
CA LEU B 111 16.93 -18.75 -0.78
C LEU B 111 16.18 -17.57 -0.12
N VAL B 112 15.87 -17.67 1.16
CA VAL B 112 15.09 -16.62 1.88
C VAL B 112 15.93 -16.19 3.08
N VAL B 113 16.34 -14.93 3.14
CA VAL B 113 17.33 -14.47 4.15
C VAL B 113 16.78 -13.25 4.86
N PRO B 114 15.86 -13.45 5.84
CA PRO B 114 15.28 -12.36 6.61
C PRO B 114 16.30 -11.79 7.62
N VAL B 115 16.05 -10.59 8.08
CA VAL B 115 16.79 -9.99 9.25
C VAL B 115 16.29 -10.72 10.50
N ASP B 116 17.19 -11.18 11.36
CA ASP B 116 16.80 -11.75 12.69
C ASP B 116 16.25 -10.59 13.53
N VAL B 117 14.97 -10.64 13.92
CA VAL B 117 14.31 -9.59 14.74
C VAL B 117 13.92 -10.15 16.12
N GLY B 118 14.52 -11.27 16.53
CA GLY B 118 14.29 -11.91 17.84
C GLY B 118 14.50 -10.94 18.99
N CYS B 119 15.42 -9.99 18.84
CA CYS B 119 15.71 -8.90 19.82
C CYS B 119 14.39 -8.29 20.30
N VAL B 120 13.39 -8.14 19.43
CA VAL B 120 12.01 -7.72 19.83
C VAL B 120 11.45 -8.80 20.74
N GLY B 121 10.99 -8.43 21.95
CA GLY B 121 10.41 -9.40 22.91
C GLY B 121 11.43 -10.11 23.78
N LYS B 122 12.71 -10.09 23.38
CA LYS B 122 13.88 -10.38 24.26
C LYS B 122 14.24 -9.12 25.04
N VAL B 123 13.70 -7.96 24.64
CA VAL B 123 13.90 -6.61 25.26
C VAL B 123 12.51 -5.99 25.43
N SER B 124 12.33 -5.02 26.34
CA SER B 124 11.03 -4.37 26.65
C SER B 124 10.68 -3.35 25.55
N LYS B 125 11.63 -2.47 25.21
CA LYS B 125 11.52 -1.62 24.00
C LYS B 125 12.87 -1.50 23.29
N VAL B 126 12.81 -1.73 21.98
CA VAL B 126 13.99 -1.75 21.06
C VAL B 126 14.62 -0.36 21.10
N ALA B 127 15.91 -0.30 21.38
CA ALA B 127 16.73 0.94 21.36
C ALA B 127 17.82 0.79 20.30
N CYS B 128 18.55 1.88 20.06
CA CYS B 128 19.64 2.00 19.07
C CYS B 128 20.59 0.80 19.14
N ASN B 129 21.00 0.38 20.35
CA ASN B 129 22.05 -0.65 20.54
C ASN B 129 21.53 -2.02 20.09
N ASP B 130 20.22 -2.27 20.25
CA ASP B 130 19.51 -3.47 19.75
C ASP B 130 19.54 -3.49 18.22
N ALA B 131 19.17 -2.38 17.59
CA ALA B 131 19.19 -2.19 16.13
C ALA B 131 20.61 -2.43 15.61
N VAL B 132 21.60 -1.84 16.26
CA VAL B 132 23.01 -1.92 15.79
C VAL B 132 23.47 -3.39 15.86
N LYS B 133 23.11 -4.16 16.90
CA LYS B 133 23.52 -5.59 17.00
C LYS B 133 22.83 -6.42 15.90
N SER B 134 21.59 -6.08 15.57
CA SER B 134 20.81 -6.72 14.49
C SER B 134 21.42 -6.41 13.10
N ALA B 135 21.85 -5.17 12.86
CA ALA B 135 22.54 -4.76 11.62
C ALA B 135 23.85 -5.54 11.46
N ASP B 136 24.64 -5.65 12.53
CA ASP B 136 25.93 -6.39 12.54
C ASP B 136 25.66 -7.89 12.26
N ALA B 137 24.59 -8.45 12.81
CA ALA B 137 24.24 -9.88 12.60
C ALA B 137 23.88 -10.07 11.13
N TYR B 138 23.11 -9.13 10.54
CA TYR B 138 22.66 -9.26 9.14
C TYR B 138 23.87 -9.07 8.23
N GLU B 139 24.75 -8.12 8.54
CA GLU B 139 26.01 -7.93 7.79
C GLU B 139 26.79 -9.26 7.70
N LYS B 140 26.94 -9.98 8.81
CA LYS B 140 27.72 -11.26 8.86
C LYS B 140 26.99 -12.30 8.00
N LYS B 141 25.66 -12.35 8.08
CA LYS B 141 24.85 -13.28 7.27
C LYS B 141 25.08 -12.98 5.77
N ILE B 142 24.97 -11.72 5.35
CA ILE B 142 25.18 -11.32 3.92
C ILE B 142 26.61 -11.70 3.51
N ALA B 143 27.63 -11.43 4.34
CA ALA B 143 29.06 -11.69 4.01
C ALA B 143 29.26 -13.20 3.77
N LEU B 144 28.62 -14.02 4.60
CA LEU B 144 28.72 -15.49 4.51
C LEU B 144 28.09 -15.98 3.21
N LEU B 145 26.93 -15.46 2.84
CA LEU B 145 26.15 -16.00 1.71
C LEU B 145 26.72 -15.47 0.39
N LEU B 146 27.17 -14.23 0.36
CA LEU B 146 27.55 -13.52 -0.89
C LEU B 146 29.07 -13.36 -0.99
N GLY B 147 29.78 -13.41 0.14
CA GLY B 147 31.16 -12.94 0.20
C GLY B 147 31.20 -11.43 0.04
N THR B 148 32.40 -10.86 0.17
CA THR B 148 32.62 -9.40 0.16
C THR B 148 33.84 -9.13 -0.73
N GLN B 149 34.04 -7.87 -1.12
CA GLN B 149 35.24 -7.45 -1.88
C GLN B 149 35.58 -6.01 -1.54
N LYS B 150 36.87 -5.69 -1.64
CA LYS B 150 37.45 -4.33 -1.66
C LYS B 150 36.83 -3.58 -2.84
N VAL B 151 36.38 -2.34 -2.59
CA VAL B 151 35.61 -1.52 -3.55
C VAL B 151 36.05 -0.06 -3.41
N GLU B 152 36.06 0.67 -4.53
CA GLU B 152 36.70 2.01 -4.65
C GLU B 152 38.13 1.85 -4.15
N GLY B 153 38.63 2.73 -3.30
CA GLY B 153 39.93 2.56 -2.63
C GLY B 153 39.72 2.50 -1.14
N MET B 154 39.25 1.35 -0.62
CA MET B 154 38.78 1.23 0.78
C MET B 154 39.23 -0.09 1.41
N GLU B 155 39.65 0.00 2.69
CA GLU B 155 39.95 -1.11 3.63
C GLU B 155 38.63 -1.81 3.99
N ALA B 156 37.49 -1.18 3.66
CA ALA B 156 36.12 -1.73 3.77
C ALA B 156 35.86 -2.78 2.68
N GLU B 157 35.27 -3.90 3.08
CA GLU B 157 34.85 -4.99 2.17
C GLU B 157 33.32 -5.02 2.12
N ILE B 158 32.79 -4.96 0.92
CA ILE B 158 31.34 -4.76 0.68
C ILE B 158 30.85 -5.96 -0.11
N PRO B 159 29.68 -6.51 0.26
CA PRO B 159 29.00 -7.50 -0.58
C PRO B 159 28.49 -6.75 -1.82
N VAL B 160 28.47 -7.44 -2.94
CA VAL B 160 28.01 -6.88 -4.24
C VAL B 160 26.71 -7.60 -4.56
N PHE B 161 25.59 -6.91 -4.36
CA PHE B 161 24.23 -7.38 -4.72
C PHE B 161 24.09 -7.36 -6.25
N ASP B 162 23.43 -8.39 -6.79
CA ASP B 162 23.04 -8.40 -8.21
C ASP B 162 21.91 -7.38 -8.42
N ILE B 163 20.88 -7.39 -7.56
CA ILE B 163 19.72 -6.48 -7.72
C ILE B 163 19.47 -5.79 -6.40
N VAL B 164 19.27 -4.47 -6.44
CA VAL B 164 18.66 -3.78 -5.28
C VAL B 164 17.36 -3.11 -5.75
N LEU B 165 16.26 -3.47 -5.11
CA LEU B 165 14.93 -2.83 -5.36
C LEU B 165 14.71 -1.74 -4.33
N LEU B 166 14.33 -0.54 -4.77
CA LEU B 166 14.12 0.58 -3.84
C LEU B 166 12.76 1.24 -4.09
N GLY B 167 12.16 1.84 -3.05
CA GLY B 167 11.03 2.76 -3.23
C GLY B 167 11.43 4.17 -2.81
N LEU B 168 10.86 5.21 -3.39
CA LEU B 168 11.11 6.61 -2.94
C LEU B 168 9.99 7.03 -2.00
N GLY B 169 10.33 7.40 -0.76
CA GLY B 169 9.38 7.99 0.21
C GLY B 169 8.98 9.41 -0.14
N SER B 170 7.92 9.91 0.51
CA SER B 170 7.38 11.29 0.35
C SER B 170 8.42 12.26 0.86
N ASP B 171 9.25 11.84 1.82
CA ASP B 171 10.38 12.64 2.35
C ASP B 171 11.66 12.40 1.51
N GLY B 172 11.58 11.64 0.41
CA GLY B 172 12.73 11.39 -0.49
C GLY B 172 13.74 10.39 0.10
N HIS B 173 13.38 9.69 1.19
CA HIS B 173 14.22 8.63 1.79
C HIS B 173 14.10 7.39 0.92
N THR B 174 15.05 6.49 1.04
CA THR B 174 14.99 5.17 0.39
C THR B 174 15.57 4.18 1.39
N ALA B 175 15.19 2.90 1.22
CA ALA B 175 15.33 1.83 2.22
C ALA B 175 14.86 2.39 3.56
N SER B 176 15.69 2.38 4.60
CA SER B 176 15.48 3.18 5.84
C SER B 176 16.70 4.08 6.05
N ILE B 177 17.18 4.66 4.95
CA ILE B 177 18.24 5.70 4.98
C ILE B 177 17.56 7.07 5.12
N PHE B 178 17.60 7.66 6.32
CA PHE B 178 17.01 8.98 6.68
C PHE B 178 18.12 9.98 6.95
N HIS B 179 17.89 11.23 6.57
CA HIS B 179 18.68 12.36 7.11
C HIS B 179 18.62 12.26 8.62
N GLY B 180 19.79 12.34 9.28
CA GLY B 180 19.89 12.18 10.73
C GLY B 180 20.17 10.73 11.14
N SER B 181 20.17 9.76 10.21
CA SER B 181 20.41 8.37 10.60
C SER B 181 21.90 8.08 10.54
N GLN B 182 22.30 7.09 11.35
CA GLN B 182 23.57 6.34 11.31
C GLN B 182 23.85 5.92 9.87
N ALA B 183 22.85 5.55 9.07
CA ALA B 183 23.05 5.15 7.65
C ALA B 183 23.26 6.37 6.72
N GLU B 184 22.84 7.57 7.12
CA GLU B 184 22.70 8.72 6.19
C GLU B 184 23.88 8.80 5.21
N SER B 185 25.12 8.71 5.72
CA SER B 185 26.39 8.87 4.94
C SER B 185 27.31 7.66 5.13
N GLU B 186 26.79 6.51 5.55
CA GLU B 186 27.66 5.38 5.97
C GLU B 186 28.34 4.82 4.73
N MET B 187 29.68 4.90 4.67
CA MET B 187 30.44 4.54 3.45
C MET B 187 31.43 3.40 3.74
N HIS B 188 31.40 2.80 4.93
CA HIS B 188 32.31 1.66 5.26
C HIS B 188 31.50 0.38 5.51
N ARG B 189 30.51 0.41 6.38
CA ARG B 189 29.66 -0.75 6.77
C ARG B 189 28.64 -1.03 5.66
N ALA B 190 28.33 -2.29 5.42
CA ALA B 190 27.34 -2.73 4.39
C ALA B 190 25.92 -2.49 4.88
N VAL B 191 25.69 -2.57 6.19
CA VAL B 191 24.36 -2.53 6.88
C VAL B 191 24.46 -1.58 8.08
N SER B 192 23.43 -0.78 8.32
CA SER B 192 23.39 0.17 9.44
C SER B 192 21.95 0.28 9.92
N VAL B 193 21.59 1.39 10.54
CA VAL B 193 20.28 1.50 11.23
C VAL B 193 19.71 2.88 10.94
N GLY B 194 18.42 3.03 11.14
CA GLY B 194 17.75 4.31 11.00
C GLY B 194 16.45 4.30 11.76
N PHE B 195 16.12 5.45 12.32
CA PHE B 195 14.81 5.76 12.93
C PHE B 195 14.12 6.77 12.03
N PRO B 196 12.81 6.62 11.74
CA PRO B 196 12.15 7.52 10.80
C PRO B 196 12.11 8.95 11.33
N SER B 197 12.13 9.90 10.39
CA SER B 197 12.00 11.36 10.60
C SER B 197 10.57 11.66 11.05
N PRO B 198 10.33 12.82 11.74
CA PRO B 198 9.02 13.18 12.28
C PRO B 198 7.75 12.88 11.46
N THR B 199 7.74 13.16 10.15
CA THR B 199 6.55 12.94 9.30
C THR B 199 6.42 11.46 8.89
N MET B 200 7.32 10.56 9.32
CA MET B 200 7.35 9.16 8.79
C MET B 200 6.97 8.16 9.88
N SER B 201 6.12 7.21 9.52
CA SER B 201 5.66 6.06 10.34
C SER B 201 5.83 4.79 9.53
N PRO B 202 5.97 3.61 10.15
CA PRO B 202 5.89 3.46 11.60
C PRO B 202 7.14 3.85 12.41
N LYS B 203 6.90 4.35 13.63
CA LYS B 203 7.96 4.85 14.55
C LYS B 203 8.65 3.68 15.22
N VAL B 204 9.40 2.91 14.43
CA VAL B 204 10.23 1.76 14.90
C VAL B 204 11.63 1.89 14.30
N TRP B 205 12.62 1.40 15.03
CA TRP B 205 14.01 1.25 14.55
C TRP B 205 14.03 0.34 13.31
N ARG B 206 14.93 0.63 12.39
CA ARG B 206 15.07 -0.21 11.16
C ARG B 206 16.53 -0.56 10.99
N VAL B 207 16.74 -1.76 10.47
CA VAL B 207 18.06 -2.19 9.94
C VAL B 207 17.96 -1.91 8.45
N THR B 208 19.03 -1.39 7.83
CA THR B 208 18.99 -0.90 6.44
C THR B 208 20.35 -1.17 5.80
N LEU B 209 20.33 -1.44 4.49
CA LEU B 209 21.54 -1.37 3.66
C LEU B 209 21.94 0.11 3.57
N THR B 210 23.24 0.31 3.36
CA THR B 210 23.87 1.64 3.40
C THR B 210 23.99 2.17 1.97
N PRO B 211 24.24 3.47 1.80
CA PRO B 211 24.54 3.99 0.47
C PRO B 211 25.67 3.20 -0.21
N ILE B 212 26.78 2.93 0.46
CA ILE B 212 27.95 2.29 -0.21
C ILE B 212 27.51 0.93 -0.78
N THR B 213 26.64 0.19 -0.10
CA THR B 213 26.13 -1.11 -0.60
C THR B 213 25.29 -0.92 -1.86
N ILE B 214 24.35 0.04 -1.87
CA ILE B 214 23.46 0.29 -3.05
C ILE B 214 24.33 0.81 -4.22
N ILE B 215 25.27 1.70 -3.90
CA ILE B 215 26.19 2.31 -4.93
C ILE B 215 26.97 1.23 -5.68
N HIS B 216 27.27 0.09 -5.05
CA HIS B 216 28.05 -1.01 -5.65
C HIS B 216 27.20 -2.19 -6.15
N ALA B 217 25.86 -2.10 -6.13
CA ALA B 217 24.99 -3.18 -6.65
C ALA B 217 25.16 -3.17 -8.16
N ARG B 218 25.08 -4.34 -8.81
CA ARG B 218 25.17 -4.47 -10.28
C ARG B 218 23.92 -3.89 -10.96
N HIS B 219 22.75 -4.01 -10.34
CA HIS B 219 21.48 -3.42 -10.84
C HIS B 219 20.69 -2.80 -9.70
N VAL B 220 20.25 -1.56 -9.92
CA VAL B 220 19.38 -0.82 -8.97
C VAL B 220 18.10 -0.43 -9.70
N ILE B 221 16.96 -0.74 -9.08
CA ILE B 221 15.61 -0.47 -9.65
C ILE B 221 14.87 0.33 -8.61
N LEU B 222 14.55 1.59 -8.93
CA LEU B 222 13.79 2.48 -8.04
C LEU B 222 12.35 2.57 -8.57
N LEU B 223 11.39 2.31 -7.70
CA LEU B 223 9.93 2.43 -7.95
C LEU B 223 9.44 3.71 -7.28
N ALA B 224 8.86 4.65 -8.01
CA ALA B 224 8.40 5.92 -7.43
C ALA B 224 7.14 6.44 -8.14
N THR B 225 6.13 6.82 -7.36
CA THR B 225 4.84 7.33 -7.89
C THR B 225 4.42 8.58 -7.11
N GLY B 226 3.52 9.36 -7.72
CA GLY B 226 2.72 10.38 -7.03
C GLY B 226 3.26 11.77 -7.33
N LYS B 227 2.37 12.69 -7.68
CA LYS B 227 2.72 14.11 -7.86
C LYS B 227 3.42 14.61 -6.58
N GLU B 228 3.07 14.10 -5.40
CA GLU B 228 3.61 14.56 -4.09
C GLU B 228 5.12 14.23 -3.95
N LYS B 229 5.68 13.36 -4.78
CA LYS B 229 7.12 12.97 -4.71
C LYS B 229 7.91 13.60 -5.87
N LYS B 230 7.26 14.47 -6.64
CA LYS B 230 7.87 15.08 -7.84
C LYS B 230 9.04 15.96 -7.42
N CYS B 231 8.90 16.66 -6.31
CA CYS B 231 9.96 17.55 -5.77
C CYS B 231 11.19 16.72 -5.35
N VAL B 232 11.03 15.69 -4.51
CA VAL B 232 12.18 14.84 -4.08
C VAL B 232 12.76 14.11 -5.30
N LEU B 233 11.95 13.67 -6.24
CA LEU B 233 12.52 12.99 -7.44
C LEU B 233 13.42 13.96 -8.21
N ASN B 234 12.93 15.18 -8.45
CA ASN B 234 13.66 16.25 -9.17
C ASN B 234 15.01 16.52 -8.47
N GLY B 235 15.09 16.40 -7.15
CA GLY B 235 16.32 16.65 -6.39
C GLY B 235 17.36 15.58 -6.59
N ILE B 236 16.99 14.38 -7.09
CA ILE B 236 17.96 13.30 -7.47
C ILE B 236 18.43 13.57 -8.90
N ILE B 237 17.48 13.86 -9.79
CA ILE B 237 17.69 13.85 -11.27
C ILE B 237 18.33 15.17 -11.72
N ALA B 238 17.86 16.34 -11.25
CA ALA B 238 18.42 17.66 -11.64
C ALA B 238 19.89 17.74 -11.21
N ASP B 239 20.75 18.30 -12.04
CA ASP B 239 22.21 18.32 -11.80
C ASP B 239 22.51 19.35 -10.68
N THR B 240 21.77 20.46 -10.68
CA THR B 240 22.20 21.72 -10.02
C THR B 240 21.23 22.27 -8.98
N PRO B 241 20.35 21.49 -8.32
CA PRO B 241 19.38 22.08 -7.39
C PRO B 241 20.09 22.50 -6.09
N THR B 242 19.50 23.43 -5.37
CA THR B 242 20.06 24.03 -4.14
C THR B 242 19.93 23.02 -3.00
N GLU B 243 18.73 22.43 -2.87
CA GLU B 243 18.37 21.48 -1.79
C GLU B 243 18.20 20.09 -2.39
N VAL B 244 18.54 19.03 -1.66
CA VAL B 244 18.43 17.63 -2.18
C VAL B 244 17.89 16.72 -1.08
N PRO B 245 17.19 15.63 -1.49
CA PRO B 245 16.77 14.60 -0.56
C PRO B 245 17.96 13.68 -0.27
N VAL B 246 17.87 12.87 0.78
CA VAL B 246 18.95 11.93 1.23
C VAL B 246 19.27 10.93 0.13
N SER B 247 18.29 10.59 -0.74
CA SER B 247 18.45 9.66 -1.89
C SER B 247 19.23 10.29 -3.08
N ARG B 248 19.70 11.53 -2.95
CA ARG B 248 20.73 12.17 -3.83
C ARG B 248 21.87 11.21 -4.18
N PHE B 249 22.29 10.36 -3.24
CA PHE B 249 23.46 9.45 -3.42
C PHE B 249 23.23 8.51 -4.61
N LEU B 250 22.00 8.16 -4.98
CA LEU B 250 21.76 7.21 -6.10
C LEU B 250 22.46 7.68 -7.39
N ARG B 251 22.77 9.00 -7.52
CA ARG B 251 23.52 9.52 -8.68
C ARG B 251 24.91 8.87 -8.74
N ASN B 252 25.43 8.40 -7.62
CA ASN B 252 26.78 7.78 -7.52
C ASN B 252 26.74 6.28 -7.82
N CYS B 253 25.60 5.71 -8.17
CA CYS B 253 25.48 4.25 -8.40
C CYS B 253 26.46 3.82 -9.50
N LYS B 254 27.21 2.74 -9.28
CA LYS B 254 28.26 2.26 -10.23
C LYS B 254 27.62 1.30 -11.23
N GLY B 255 26.44 0.74 -10.91
CA GLY B 255 25.81 -0.32 -11.72
C GLY B 255 24.79 0.22 -12.71
N ASP B 256 23.91 -0.65 -13.18
CA ASP B 256 22.83 -0.33 -14.14
C ASP B 256 21.60 0.14 -13.35
N VAL B 257 21.21 1.41 -13.50
CA VAL B 257 20.13 2.09 -12.71
C VAL B 257 18.90 2.25 -13.60
N THR B 258 17.75 1.76 -13.14
CA THR B 258 16.43 1.95 -13.77
C THR B 258 15.51 2.62 -12.77
N PHE B 259 14.92 3.75 -13.14
CA PHE B 259 13.80 4.45 -12.46
C PHE B 259 12.51 4.09 -13.23
N ILE B 260 11.55 3.51 -12.52
CA ILE B 260 10.23 3.14 -13.08
C ILE B 260 9.21 4.05 -12.39
N LEU B 261 8.61 4.95 -13.17
CA LEU B 261 7.81 6.10 -12.66
C LEU B 261 6.39 6.06 -13.24
N ASP B 262 5.44 6.68 -12.56
CA ASP B 262 4.10 7.03 -13.13
C ASP B 262 4.22 8.40 -13.81
N LYS B 263 3.17 8.80 -14.54
CA LYS B 263 3.08 10.09 -15.28
C LYS B 263 3.18 11.24 -14.28
N GLU B 264 2.44 11.19 -13.17
CA GLU B 264 2.29 12.31 -12.21
C GLU B 264 3.67 12.67 -11.59
N ILE B 265 4.51 11.70 -11.23
CA ILE B 265 5.84 12.00 -10.62
C ILE B 265 6.80 12.52 -11.69
N ALA B 266 6.59 12.16 -12.97
CA ALA B 266 7.52 12.39 -14.10
C ALA B 266 7.18 13.66 -14.91
N GLU B 267 6.32 14.56 -14.41
CA GLU B 267 5.80 15.73 -15.19
C GLU B 267 6.92 16.70 -15.60
N ASN B 268 8.01 16.86 -14.85
CA ASN B 268 9.12 17.80 -15.20
C ASN B 268 10.29 17.10 -15.91
N LEU B 269 10.27 15.79 -16.08
CA LEU B 269 11.34 15.05 -16.79
C LEU B 269 11.15 15.26 -18.30
N THR B 270 12.24 15.15 -19.08
CA THR B 270 12.20 14.92 -20.54
C THR B 270 12.33 13.38 -20.77
N CYS B 271 11.63 12.61 -19.92
CA CYS B 271 11.48 11.14 -19.85
C CYS B 271 12.70 10.37 -20.39
#